data_5PHF
#
_entry.id   5PHF
#
_cell.length_a   71.629
_cell.length_b   71.629
_cell.length_c   150.584
_cell.angle_alpha   90.000
_cell.angle_beta   90.000
_cell.angle_gamma   90.000
#
_symmetry.space_group_name_H-M   'P 43 21 2'
#
loop_
_entity.id
_entity.type
_entity.pdbx_description
1 polymer 'Lysine-specific demethylase 4D'
2 non-polymer 'ZINC ION'
3 non-polymer 'NICKEL (II) ION'
4 non-polymer N-OXALYLGLYCINE
5 non-polymer 1,2-ETHANEDIOL
6 non-polymer 'SULFATE ION'
7 non-polymer N-PHENYLTHIOUREA
8 water water
#
_entity_poly.entity_id   1
_entity_poly.type   'polypeptide(L)'
_entity_poly.pdbx_seq_one_letter_code
;MHHHHHHSSGVDLGTENLYFQSMETMKSKANCAQNPNCNIMIFHPTKEEFNDFDKYIAYMESQGAHRAGLAKIIPPKEWK
ARETYDNISEILIATPLQQVASGRAGVFTQYHKKKKAMTVGEYRHLANSKKYQTPPHQNFEDLERKYWKNRIYNSPIYGA
DISGSLFDENTKQWNLGHLGTIQDLLEKECGVVIEGVNTPYLYFGMWKTTFAWHTEDMDLYSINYLHLGEPKTWYVVPPE
HGQRLERLARELFPGSSRGCGAFLRHKVALISPTVLKENGIPFNRITQEAGEFMVTFPYGYHAGFNHGFNCAEAINFATP
RWIDYGKMASQCSCGEARVTFSMDAFVRILQPERYDLWKRGQDR
;
_entity_poly.pdbx_strand_id   A
#
loop_
_chem_comp.id
_chem_comp.type
_chem_comp.name
_chem_comp.formula
EDO non-polymer 1,2-ETHANEDIOL 'C2 H6 O2'
NI non-polymer 'NICKEL (II) ION' 'Ni 2'
OGA non-polymer N-OXALYLGLYCINE 'C4 H5 N O5'
SO4 non-polymer 'SULFATE ION' 'O4 S -2'
URS non-polymer N-PHENYLTHIOUREA 'C7 H8 N2 S'
ZN non-polymer 'ZINC ION' 'Zn 2'
#
# COMPACT_ATOMS: atom_id res chain seq x y z
N ALA A 33 -11.32 -14.95 21.23
CA ALA A 33 -10.78 -14.02 20.23
C ALA A 33 -10.84 -14.60 18.82
N GLN A 34 -11.37 -13.83 17.89
CA GLN A 34 -11.51 -14.26 16.51
C GLN A 34 -10.18 -14.21 15.75
N ASN A 35 -9.97 -15.19 14.88
CA ASN A 35 -8.77 -15.28 14.05
C ASN A 35 -7.45 -15.16 14.85
N PRO A 36 -7.28 -16.02 15.87
CA PRO A 36 -6.09 -15.86 16.73
C PRO A 36 -4.76 -16.14 16.02
N ASN A 37 -4.76 -16.95 14.98
CA ASN A 37 -3.52 -17.22 14.23
C ASN A 37 -3.20 -16.09 13.25
N CYS A 38 -4.07 -15.08 13.15
CA CYS A 38 -3.82 -13.91 12.29
C CYS A 38 -3.72 -14.26 10.81
N ASN A 39 -4.57 -15.17 10.36
N ASN A 39 -4.57 -15.18 10.37
CA ASN A 39 -4.61 -15.55 8.94
CA ASN A 39 -4.67 -15.57 8.96
C ASN A 39 -5.29 -14.49 8.10
C ASN A 39 -5.28 -14.47 8.11
N ILE A 40 -4.83 -14.35 6.86
CA ILE A 40 -5.49 -13.47 5.90
C ILE A 40 -6.86 -14.05 5.55
N MET A 41 -7.92 -13.28 5.81
CA MET A 41 -9.26 -13.74 5.52
C MET A 41 -9.76 -13.20 4.18
N ILE A 42 -10.62 -13.99 3.54
CA ILE A 42 -11.20 -13.65 2.24
C ILE A 42 -12.71 -13.56 2.41
N PHE A 43 -13.29 -12.46 1.93
CA PHE A 43 -14.72 -12.20 2.07
C PHE A 43 -15.43 -12.16 0.73
N HIS A 44 -16.67 -12.66 0.72
CA HIS A 44 -17.52 -12.68 -0.46
C HIS A 44 -18.86 -12.00 -0.16
N PRO A 45 -18.87 -10.66 0.00
CA PRO A 45 -20.14 -9.97 0.27
C PRO A 45 -21.19 -10.13 -0.83
N THR A 46 -22.45 -10.22 -0.40
CA THR A 46 -23.57 -10.17 -1.33
C THR A 46 -23.74 -8.73 -1.81
N LYS A 47 -24.55 -8.53 -2.84
CA LYS A 47 -24.76 -7.16 -3.31
C LYS A 47 -25.44 -6.32 -2.23
N GLU A 48 -26.29 -6.93 -1.41
CA GLU A 48 -26.92 -6.21 -0.31
C GLU A 48 -25.88 -5.79 0.75
N GLU A 49 -24.96 -6.70 1.06
CA GLU A 49 -23.90 -6.40 2.01
C GLU A 49 -22.89 -5.38 1.49
N PHE A 50 -22.86 -5.18 0.17
CA PHE A 50 -21.89 -4.30 -0.49
C PHE A 50 -22.36 -2.83 -0.53
N ASN A 51 -23.52 -2.56 0.04
CA ASN A 51 -24.05 -1.20 0.01
C ASN A 51 -23.37 -0.27 1.01
N ASP A 52 -23.22 -0.74 2.25
CA ASP A 52 -22.73 0.07 3.35
C ASP A 52 -21.26 -0.27 3.65
N PHE A 53 -20.36 0.58 3.16
CA PHE A 53 -18.94 0.32 3.27
C PHE A 53 -18.47 0.22 4.72
N ASP A 54 -18.82 1.21 5.53
N ASP A 54 -18.80 1.24 5.52
CA ASP A 54 -18.35 1.24 6.91
CA ASP A 54 -18.39 1.27 6.93
C ASP A 54 -18.89 0.07 7.72
C ASP A 54 -18.87 0.02 7.66
N LYS A 55 -20.12 -0.36 7.43
CA LYS A 55 -20.72 -1.49 8.11
C LYS A 55 -19.98 -2.78 7.78
N TYR A 56 -19.56 -2.94 6.52
CA TYR A 56 -18.89 -4.17 6.15
C TYR A 56 -17.45 -4.22 6.69
N ILE A 57 -16.75 -3.09 6.74
CA ILE A 57 -15.44 -3.08 7.39
C ILE A 57 -15.59 -3.51 8.86
N ALA A 58 -16.59 -2.95 9.54
CA ALA A 58 -16.84 -3.33 10.94
C ALA A 58 -17.16 -4.83 11.06
N TYR A 59 -17.93 -5.35 10.12
CA TYR A 59 -18.22 -6.78 10.11
C TYR A 59 -16.95 -7.63 9.96
N MET A 60 -16.08 -7.25 9.02
N MET A 60 -16.08 -7.25 9.02
CA MET A 60 -14.84 -7.97 8.82
CA MET A 60 -14.83 -7.98 8.82
C MET A 60 -14.03 -8.02 10.12
C MET A 60 -14.01 -8.02 10.11
N GLU A 61 -13.94 -6.89 10.81
CA GLU A 61 -13.21 -6.84 12.06
C GLU A 61 -13.89 -7.66 13.17
N SER A 62 -15.22 -7.75 13.15
CA SER A 62 -15.91 -8.59 14.13
C SER A 62 -15.52 -10.06 13.95
N GLN A 63 -15.03 -10.41 12.76
CA GLN A 63 -14.59 -11.78 12.48
C GLN A 63 -13.08 -11.94 12.64
N GLY A 64 -12.41 -10.87 13.09
CA GLY A 64 -10.98 -10.91 13.34
C GLY A 64 -10.08 -10.62 12.15
N ALA A 65 -10.66 -10.09 11.07
CA ALA A 65 -9.88 -9.90 9.84
C ALA A 65 -8.65 -9.00 10.07
N HIS A 66 -8.80 -7.97 10.89
CA HIS A 66 -7.72 -7.01 11.11
C HIS A 66 -6.48 -7.64 11.75
N ARG A 67 -6.63 -8.78 12.42
CA ARG A 67 -5.48 -9.35 13.11
C ARG A 67 -4.39 -9.77 12.12
N ALA A 68 -4.77 -10.09 10.88
CA ALA A 68 -3.79 -10.43 9.84
C ALA A 68 -3.03 -9.22 9.32
N GLY A 69 -3.64 -8.04 9.37
CA GLY A 69 -3.07 -6.86 8.74
C GLY A 69 -3.57 -6.61 7.34
N LEU A 70 -4.18 -7.61 6.73
CA LEU A 70 -4.60 -7.58 5.33
C LEU A 70 -5.80 -8.50 5.15
N ALA A 71 -6.77 -8.07 4.34
CA ALA A 71 -7.91 -8.92 3.95
C ALA A 71 -8.18 -8.78 2.47
N LYS A 72 -8.73 -9.83 1.86
CA LYS A 72 -9.21 -9.78 0.48
C LYS A 72 -10.73 -9.72 0.46
N ILE A 73 -11.28 -8.87 -0.40
CA ILE A 73 -12.73 -8.79 -0.61
C ILE A 73 -13.05 -8.99 -2.09
N ILE A 74 -13.81 -10.04 -2.37
CA ILE A 74 -14.23 -10.34 -3.72
C ILE A 74 -15.62 -9.73 -3.91
N PRO A 75 -15.77 -8.78 -4.85
CA PRO A 75 -17.08 -8.11 -5.02
C PRO A 75 -18.16 -9.06 -5.52
N PRO A 76 -19.43 -8.73 -5.25
CA PRO A 76 -20.56 -9.49 -5.81
C PRO A 76 -20.45 -9.62 -7.32
N LYS A 77 -20.93 -10.73 -7.88
CA LYS A 77 -20.86 -10.96 -9.31
C LYS A 77 -21.59 -9.89 -10.12
N GLU A 78 -22.56 -9.22 -9.49
CA GLU A 78 -23.36 -8.19 -10.17
C GLU A 78 -22.65 -6.83 -10.27
N TRP A 79 -21.54 -6.69 -9.55
CA TRP A 79 -20.86 -5.40 -9.44
C TRP A 79 -19.78 -5.20 -10.51
N LYS A 80 -19.60 -3.96 -10.94
CA LYS A 80 -18.44 -3.60 -11.76
C LYS A 80 -17.94 -2.20 -11.42
N ALA A 81 -16.63 -2.00 -11.59
CA ALA A 81 -16.04 -0.71 -11.31
C ALA A 81 -16.36 0.32 -12.39
N ARG A 82 -16.39 -0.14 -13.64
CA ARG A 82 -16.70 0.69 -14.80
C ARG A 82 -17.03 -0.27 -15.95
N GLU A 83 -17.49 0.28 -17.07
CA GLU A 83 -17.96 -0.56 -18.18
C GLU A 83 -16.81 -1.28 -18.89
N THR A 84 -15.79 -0.53 -19.32
CA THR A 84 -14.62 -1.12 -19.99
C THR A 84 -13.37 -0.33 -19.68
N TYR A 85 -12.22 -0.95 -19.93
CA TYR A 85 -10.93 -0.27 -19.80
C TYR A 85 -10.33 0.03 -21.16
N ASP A 86 -11.18 0.14 -22.17
CA ASP A 86 -10.73 0.32 -23.55
C ASP A 86 -10.19 1.71 -23.87
N ASN A 87 -10.44 2.70 -23.02
CA ASN A 87 -10.09 4.07 -23.39
CA ASN A 87 -10.13 4.08 -23.36
C ASN A 87 -9.18 4.75 -22.37
N ILE A 88 -8.28 3.98 -21.77
CA ILE A 88 -7.40 4.53 -20.74
C ILE A 88 -5.98 4.85 -21.22
N SER A 89 -5.70 4.64 -22.50
CA SER A 89 -4.32 4.71 -22.98
C SER A 89 -3.72 6.11 -22.99
N GLU A 90 -4.56 7.14 -22.91
CA GLU A 90 -4.08 8.52 -22.98
C GLU A 90 -3.81 9.15 -21.62
N ILE A 91 -4.09 8.41 -20.55
CA ILE A 91 -3.68 8.83 -19.21
C ILE A 91 -2.17 9.06 -19.23
N LEU A 92 -1.70 10.14 -18.62
CA LEU A 92 -0.26 10.43 -18.56
C LEU A 92 0.37 9.96 -17.26
N ILE A 93 1.49 9.27 -17.39
CA ILE A 93 2.39 8.99 -16.27
C ILE A 93 3.49 10.05 -16.35
N ALA A 94 3.30 11.14 -15.61
CA ALA A 94 4.21 12.30 -15.72
C ALA A 94 5.62 11.97 -15.28
N THR A 95 5.76 11.11 -14.29
CA THR A 95 7.08 10.79 -13.76
C THR A 95 7.19 9.30 -13.45
N PRO A 96 7.40 8.49 -14.52
CA PRO A 96 7.64 7.05 -14.28
C PRO A 96 8.90 6.89 -13.43
N LEU A 97 8.92 5.86 -12.58
CA LEU A 97 10.04 5.65 -11.67
C LEU A 97 10.74 4.33 -11.93
N GLN A 98 12.05 4.41 -12.20
CA GLN A 98 12.85 3.21 -12.39
C GLN A 98 13.37 2.74 -11.04
N GLN A 99 13.07 1.50 -10.67
CA GLN A 99 13.36 1.01 -9.32
C GLN A 99 14.66 0.23 -9.29
N VAL A 100 15.73 0.91 -8.87
CA VAL A 100 17.07 0.35 -8.92
C VAL A 100 17.46 -0.23 -7.57
N ALA A 101 17.84 -1.50 -7.54
CA ALA A 101 18.13 -2.21 -6.29
C ALA A 101 19.60 -2.21 -5.90
N SER A 102 19.84 -2.27 -4.59
CA SER A 102 21.19 -2.47 -4.02
C SER A 102 21.13 -3.45 -2.87
N GLY A 103 22.09 -4.35 -2.78
CA GLY A 103 22.12 -5.29 -1.66
C GLY A 103 22.24 -6.72 -2.13
N ARG A 104 21.53 -7.61 -1.45
N ARG A 104 21.58 -7.64 -1.42
CA ARG A 104 21.51 -9.01 -1.79
CA ARG A 104 21.56 -9.05 -1.81
C ARG A 104 20.12 -9.39 -2.26
C ARG A 104 20.13 -9.45 -2.13
N ALA A 105 19.96 -10.61 -2.77
CA ALA A 105 18.69 -11.02 -3.35
C ALA A 105 17.54 -10.96 -2.37
N GLY A 106 17.80 -11.35 -1.12
CA GLY A 106 16.76 -11.38 -0.10
C GLY A 106 16.70 -10.20 0.87
N VAL A 107 17.69 -9.30 0.79
CA VAL A 107 17.77 -8.13 1.65
C VAL A 107 18.34 -6.98 0.83
N PHE A 108 17.47 -6.08 0.38
CA PHE A 108 17.93 -5.02 -0.49
C PHE A 108 17.13 -3.75 -0.31
N THR A 109 17.69 -2.63 -0.75
CA THR A 109 16.94 -1.40 -0.85
C THR A 109 16.73 -1.04 -2.32
N GLN A 110 15.78 -0.16 -2.58
CA GLN A 110 15.62 0.35 -3.94
C GLN A 110 15.49 1.86 -3.92
N TYR A 111 16.07 2.49 -4.93
CA TYR A 111 15.83 3.92 -5.08
C TYR A 111 15.10 4.16 -6.39
N HIS A 112 14.44 5.31 -6.46
CA HIS A 112 13.58 5.62 -7.59
C HIS A 112 14.22 6.67 -8.47
N LYS A 113 14.60 6.26 -9.67
CA LYS A 113 15.18 7.15 -10.66
C LYS A 113 14.07 7.69 -11.56
N LYS A 114 13.95 9.01 -11.63
CA LYS A 114 12.90 9.62 -12.45
C LYS A 114 13.18 9.46 -13.95
N LYS A 115 12.15 9.09 -14.70
CA LYS A 115 12.25 8.94 -16.15
C LYS A 115 11.33 9.93 -16.85
N LYS A 116 11.50 10.08 -18.16
CA LYS A 116 10.65 10.98 -18.93
C LYS A 116 9.19 10.51 -18.99
N ALA A 117 8.27 11.46 -19.10
CA ALA A 117 6.85 11.17 -19.12
C ALA A 117 6.46 10.23 -20.24
N MET A 118 5.45 9.40 -20.00
N MET A 118 5.50 9.33 -19.96
CA MET A 118 4.89 8.57 -21.04
CA MET A 118 4.90 8.46 -20.97
C MET A 118 3.43 8.28 -20.77
C MET A 118 3.39 8.39 -20.77
N THR A 119 2.66 8.03 -21.82
CA THR A 119 1.25 7.69 -21.66
C THR A 119 1.12 6.25 -21.17
N VAL A 120 -0.06 5.90 -20.68
CA VAL A 120 -0.34 4.53 -20.27
C VAL A 120 -0.20 3.56 -21.45
N GLY A 121 -0.61 3.98 -22.66
CA GLY A 121 -0.40 3.15 -23.84
C GLY A 121 1.07 2.86 -24.10
N GLU A 122 1.91 3.90 -23.98
CA GLU A 122 3.34 3.71 -24.15
C GLU A 122 3.92 2.82 -23.05
N TYR A 123 3.45 3.01 -21.83
CA TYR A 123 3.91 2.23 -20.69
C TYR A 123 3.55 0.76 -20.84
N ARG A 124 2.33 0.48 -21.30
CA ARG A 124 1.90 -0.90 -21.53
C ARG A 124 2.79 -1.58 -22.56
N HIS A 125 3.10 -0.87 -23.64
CA HIS A 125 4.00 -1.39 -24.66
C HIS A 125 5.40 -1.70 -24.09
N LEU A 126 5.90 -0.82 -23.25
CA LEU A 126 7.18 -1.04 -22.58
C LEU A 126 7.13 -2.27 -21.66
N ALA A 127 6.06 -2.38 -20.87
CA ALA A 127 5.89 -3.52 -19.97
C ALA A 127 5.91 -4.85 -20.71
N ASN A 128 5.37 -4.86 -21.92
CA ASN A 128 5.25 -6.07 -22.72
C ASN A 128 6.47 -6.35 -23.62
N SER A 129 7.46 -5.46 -23.59
CA SER A 129 8.66 -5.64 -24.42
C SER A 129 9.50 -6.80 -23.90
N LYS A 130 10.40 -7.32 -24.74
CA LYS A 130 11.23 -8.44 -24.31
C LYS A 130 12.03 -8.11 -23.04
N LYS A 131 12.51 -6.88 -22.91
CA LYS A 131 13.33 -6.49 -21.77
C LYS A 131 12.57 -6.56 -20.44
N TYR A 132 11.28 -6.24 -20.47
CA TYR A 132 10.54 -6.07 -19.23
C TYR A 132 9.41 -7.07 -18.97
N GLN A 133 9.06 -7.88 -19.97
N GLN A 133 9.08 -7.90 -19.96
CA GLN A 133 7.89 -8.75 -19.84
CA GLN A 133 7.90 -8.76 -19.87
C GLN A 133 8.09 -9.89 -18.84
C GLN A 133 8.08 -9.95 -18.92
N THR A 134 6.98 -10.36 -18.29
CA THR A 134 6.94 -11.52 -17.41
C THR A 134 7.54 -12.74 -18.08
N PRO A 135 8.43 -13.46 -17.39
CA PRO A 135 9.00 -14.70 -17.97
C PRO A 135 8.00 -15.85 -17.97
N PRO A 136 8.26 -16.88 -18.79
CA PRO A 136 7.46 -18.11 -18.68
C PRO A 136 7.51 -18.66 -17.27
N HIS A 137 6.39 -19.18 -16.76
CA HIS A 137 6.33 -19.71 -15.40
C HIS A 137 5.17 -20.68 -15.26
N GLN A 138 5.30 -21.60 -14.32
CA GLN A 138 4.34 -22.69 -14.14
C GLN A 138 3.07 -22.29 -13.38
N ASN A 139 3.24 -21.44 -12.38
CA ASN A 139 2.17 -21.02 -11.48
C ASN A 139 2.64 -19.82 -10.66
N PHE A 140 1.81 -19.34 -9.74
CA PHE A 140 2.19 -18.17 -8.93
C PHE A 140 3.42 -18.43 -8.05
N GLU A 141 3.52 -19.65 -7.53
N GLU A 141 3.53 -19.65 -7.51
CA GLU A 141 4.65 -20.03 -6.67
CA GLU A 141 4.67 -19.99 -6.66
C GLU A 141 5.98 -20.02 -7.43
C GLU A 141 5.98 -19.99 -7.44
N ASP A 142 5.94 -20.49 -8.67
CA ASP A 142 7.10 -20.50 -9.55
C ASP A 142 7.53 -19.05 -9.84
N LEU A 143 6.56 -18.20 -10.15
CA LEU A 143 6.89 -16.81 -10.42
C LEU A 143 7.44 -16.10 -9.17
N GLU A 144 6.88 -16.42 -8.01
CA GLU A 144 7.39 -15.88 -6.74
C GLU A 144 8.87 -16.26 -6.53
N ARG A 145 9.23 -17.51 -6.79
N ARG A 145 9.21 -17.51 -6.80
N ARG A 145 9.21 -17.51 -6.81
CA ARG A 145 10.62 -17.92 -6.68
CA ARG A 145 10.59 -17.98 -6.71
CA ARG A 145 10.59 -17.98 -6.71
C ARG A 145 11.51 -17.13 -7.63
C ARG A 145 11.49 -17.17 -7.63
C ARG A 145 11.51 -17.21 -7.65
N LYS A 146 11.05 -16.98 -8.87
CA LYS A 146 11.81 -16.19 -9.84
C LYS A 146 11.98 -14.75 -9.40
N TYR A 147 10.93 -14.16 -8.83
CA TYR A 147 11.00 -12.79 -8.34
C TYR A 147 12.13 -12.65 -7.30
N TRP A 148 12.12 -13.49 -6.26
CA TRP A 148 13.09 -13.27 -5.20
C TRP A 148 14.50 -13.69 -5.60
N LYS A 149 14.61 -14.59 -6.56
N LYS A 149 14.59 -14.60 -6.57
CA LYS A 149 15.92 -14.99 -7.05
CA LYS A 149 15.87 -15.03 -7.11
C LYS A 149 16.56 -13.87 -7.87
C LYS A 149 16.56 -13.96 -7.97
N ASN A 150 15.76 -13.21 -8.72
CA ASN A 150 16.29 -12.37 -9.79
C ASN A 150 15.96 -10.87 -9.73
N ARG A 151 15.09 -10.46 -8.81
CA ARG A 151 14.62 -9.06 -8.77
C ARG A 151 15.77 -8.05 -8.80
N ILE A 152 16.81 -8.27 -8.01
CA ILE A 152 17.81 -7.21 -7.86
C ILE A 152 18.62 -6.96 -9.14
N TYR A 153 18.60 -7.91 -10.08
CA TYR A 153 19.40 -7.80 -11.30
C TYR A 153 18.68 -7.05 -12.41
N ASN A 154 17.51 -6.52 -12.12
CA ASN A 154 16.72 -5.76 -13.09
C ASN A 154 16.20 -4.47 -12.45
N SER A 155 15.83 -3.51 -13.28
CA SER A 155 15.29 -2.24 -12.78
C SER A 155 13.99 -1.89 -13.49
N PRO A 156 12.88 -2.47 -13.02
CA PRO A 156 11.57 -2.23 -13.65
C PRO A 156 11.12 -0.79 -13.44
N ILE A 157 10.19 -0.34 -14.28
CA ILE A 157 9.69 1.03 -14.24
C ILE A 157 8.23 1.01 -13.81
N TYR A 158 7.91 1.86 -12.80
N TYR A 158 7.86 1.85 -12.85
CA TYR A 158 6.59 1.94 -12.13
CA TYR A 158 6.45 1.86 -12.52
C TYR A 158 5.93 3.31 -12.40
C TYR A 158 5.88 3.24 -12.30
N GLY A 159 4.62 3.33 -12.66
CA GLY A 159 3.88 4.57 -12.61
C GLY A 159 3.13 4.65 -11.31
N ALA A 160 3.67 5.34 -10.31
CA ALA A 160 3.07 5.32 -8.98
C ALA A 160 2.51 6.67 -8.54
N ASP A 161 1.56 6.62 -7.61
CA ASP A 161 1.07 7.82 -6.94
C ASP A 161 0.55 8.85 -7.95
N ILE A 162 -0.26 8.39 -8.89
CA ILE A 162 -0.87 9.28 -9.88
C ILE A 162 -2.27 9.66 -9.40
N SER A 163 -2.48 10.91 -9.03
N SER A 163 -2.47 10.93 -9.08
CA SER A 163 -3.79 11.31 -8.55
CA SER A 163 -3.77 11.37 -8.62
C SER A 163 -4.85 11.10 -9.64
C SER A 163 -4.87 11.13 -9.66
N GLY A 164 -5.92 10.40 -9.28
CA GLY A 164 -7.00 10.13 -10.22
C GLY A 164 -7.81 8.91 -9.84
N SER A 165 -8.83 8.60 -10.64
CA SER A 165 -9.69 7.44 -10.38
C SER A 165 -10.19 6.84 -11.69
N LEU A 166 -10.37 5.51 -11.69
CA LEU A 166 -10.97 4.82 -12.84
C LEU A 166 -12.35 4.27 -12.51
N PHE A 167 -12.90 4.60 -11.34
CA PHE A 167 -14.28 4.21 -11.03
C PHE A 167 -15.27 5.10 -11.78
N ASP A 168 -16.27 4.49 -12.39
CA ASP A 168 -17.35 5.23 -13.04
C ASP A 168 -18.10 6.03 -11.97
N GLU A 169 -18.46 7.28 -12.26
CA GLU A 169 -19.14 8.09 -11.25
C GLU A 169 -20.48 7.47 -10.85
N ASN A 170 -21.03 6.63 -11.70
CA ASN A 170 -22.31 5.97 -11.41
C ASN A 170 -22.17 4.68 -10.61
N THR A 171 -20.94 4.25 -10.36
CA THR A 171 -20.71 3.11 -9.48
C THR A 171 -20.90 3.54 -8.03
N LYS A 172 -21.95 3.04 -7.39
CA LYS A 172 -22.34 3.55 -6.08
C LYS A 172 -21.72 2.79 -4.91
N GLN A 173 -21.30 1.56 -5.16
CA GLN A 173 -20.77 0.70 -4.10
C GLN A 173 -19.24 0.59 -4.20
N TRP A 174 -18.56 0.79 -3.08
CA TRP A 174 -17.10 0.61 -2.99
C TRP A 174 -16.35 1.38 -4.08
N ASN A 175 -16.83 2.60 -4.34
CA ASN A 175 -16.19 3.53 -5.24
C ASN A 175 -15.13 4.28 -4.46
N LEU A 176 -13.85 4.03 -4.75
CA LEU A 176 -12.77 4.57 -3.93
C LEU A 176 -12.62 6.09 -4.04
N GLY A 177 -13.33 6.73 -4.97
CA GLY A 177 -13.36 8.18 -5.03
C GLY A 177 -14.54 8.79 -4.28
N HIS A 178 -15.39 7.95 -3.68
CA HIS A 178 -16.59 8.43 -2.99
C HIS A 178 -16.65 7.99 -1.53
N LEU A 179 -15.51 7.65 -0.94
CA LEU A 179 -15.50 7.25 0.47
C LEU A 179 -15.58 8.44 1.40
N GLY A 180 -16.07 8.21 2.62
CA GLY A 180 -16.00 9.23 3.65
C GLY A 180 -14.55 9.60 3.93
N THR A 181 -14.30 10.89 4.13
CA THR A 181 -12.92 11.36 4.24
C THR A 181 -12.34 11.16 5.64
N ILE A 182 -11.02 11.06 5.73
CA ILE A 182 -10.35 10.93 7.02
CA ILE A 182 -10.40 10.89 7.03
C ILE A 182 -10.58 12.17 7.87
N GLN A 183 -10.62 13.33 7.21
CA GLN A 183 -10.86 14.59 7.94
C GLN A 183 -12.26 14.59 8.58
N ASP A 184 -13.26 14.09 7.86
CA ASP A 184 -14.59 14.00 8.44
C ASP A 184 -14.67 12.95 9.55
N LEU A 185 -13.91 11.85 9.42
CA LEU A 185 -13.86 10.86 10.48
C LEU A 185 -13.28 11.48 11.76
N LEU A 186 -12.16 12.18 11.63
N LEU A 186 -12.16 12.18 11.63
CA LEU A 186 -11.55 12.83 12.78
CA LEU A 186 -11.54 12.81 12.80
C LEU A 186 -12.52 13.80 13.44
C LEU A 186 -12.49 13.82 13.44
N GLU A 187 -13.23 14.56 12.61
CA GLU A 187 -14.19 15.52 13.13
C GLU A 187 -15.35 14.82 13.85
N LYS A 188 -15.86 13.74 13.26
CA LYS A 188 -16.95 12.99 13.88
C LYS A 188 -16.53 12.39 15.22
N GLU A 189 -15.31 11.89 15.29
CA GLU A 189 -14.84 11.21 16.51
C GLU A 189 -14.35 12.14 17.61
N CYS A 190 -13.68 13.21 17.21
N CYS A 190 -13.64 13.20 17.26
CA CYS A 190 -12.96 14.05 18.15
CA CYS A 190 -13.05 14.04 18.30
C CYS A 190 -13.48 15.48 18.23
C CYS A 190 -13.52 15.49 18.27
N GLY A 191 -14.41 15.82 17.34
CA GLY A 191 -15.04 17.12 17.34
C GLY A 191 -14.24 18.29 16.79
N VAL A 192 -13.05 18.03 16.26
CA VAL A 192 -12.20 19.08 15.70
CA VAL A 192 -12.31 19.16 15.70
C VAL A 192 -12.33 19.12 14.17
N VAL A 193 -12.52 20.31 13.62
CA VAL A 193 -12.59 20.49 12.18
C VAL A 193 -11.18 20.81 11.70
N ILE A 194 -10.74 20.13 10.64
CA ILE A 194 -9.39 20.36 10.12
C ILE A 194 -9.38 20.54 8.60
N GLU A 195 -8.38 21.26 8.11
CA GLU A 195 -8.12 21.37 6.68
C GLU A 195 -7.64 20.02 6.13
N GLY A 196 -7.66 19.91 4.80
CA GLY A 196 -7.12 18.74 4.12
C GLY A 196 -8.15 17.99 3.32
N VAL A 197 -7.64 17.26 2.32
CA VAL A 197 -8.48 16.43 1.47
C VAL A 197 -7.80 15.08 1.32
N ASN A 198 -8.50 14.17 0.65
N ASN A 198 -8.54 14.07 0.92
CA ASN A 198 -8.25 12.73 0.70
CA ASN A 198 -7.87 12.87 0.49
C ASN A 198 -8.70 12.04 -0.62
C ASN A 198 -8.63 12.29 -0.66
N THR A 199 -7.84 11.96 -1.66
CA THR A 199 -8.31 11.46 -2.95
C THR A 199 -7.50 10.22 -3.39
N PRO A 200 -8.04 9.44 -4.35
CA PRO A 200 -7.34 8.20 -4.71
C PRO A 200 -6.10 8.39 -5.58
N TYR A 201 -5.27 7.35 -5.63
N TYR A 201 -5.26 7.36 -5.59
CA TYR A 201 -4.12 7.32 -6.51
CA TYR A 201 -4.06 7.25 -6.43
C TYR A 201 -4.13 6.09 -7.39
C TYR A 201 -4.23 6.10 -7.44
N LEU A 202 -3.64 6.27 -8.62
CA LEU A 202 -3.52 5.17 -9.58
C LEU A 202 -2.06 4.68 -9.61
N TYR A 203 -1.92 3.38 -9.86
CA TYR A 203 -0.61 2.73 -9.97
C TYR A 203 -0.58 1.88 -11.20
N PHE A 204 0.36 2.14 -12.09
CA PHE A 204 0.56 1.30 -13.27
C PHE A 204 1.83 0.50 -13.07
N GLY A 205 1.74 -0.83 -13.09
CA GLY A 205 2.89 -1.68 -12.79
C GLY A 205 3.29 -2.59 -13.92
N MET A 206 4.45 -3.20 -13.77
CA MET A 206 4.93 -4.20 -14.71
C MET A 206 5.63 -5.30 -13.90
N TRP A 207 6.08 -6.35 -14.58
CA TRP A 207 6.81 -7.43 -13.89
C TRP A 207 7.94 -6.87 -13.02
N LYS A 208 7.99 -7.37 -11.79
CA LYS A 208 9.03 -7.05 -10.79
C LYS A 208 8.90 -5.68 -10.12
N THR A 209 7.96 -4.85 -10.57
CA THR A 209 7.64 -3.64 -9.88
CA THR A 209 7.78 -3.60 -9.83
C THR A 209 7.37 -3.95 -8.41
N THR A 210 7.91 -3.16 -7.48
CA THR A 210 8.00 -3.57 -6.08
C THR A 210 7.49 -2.51 -5.13
N PHE A 211 6.68 -2.90 -4.14
CA PHE A 211 6.42 -1.99 -3.03
C PHE A 211 7.09 -2.49 -1.75
N ALA A 212 7.90 -1.59 -1.18
CA ALA A 212 8.73 -1.86 -0.03
C ALA A 212 7.92 -2.03 1.25
N TRP A 213 8.55 -2.63 2.26
CA TRP A 213 7.91 -2.82 3.57
C TRP A 213 7.50 -1.49 4.19
N HIS A 214 6.20 -1.34 4.51
CA HIS A 214 5.72 -0.09 5.11
C HIS A 214 4.37 -0.31 5.80
N THR A 215 4.04 0.58 6.72
CA THR A 215 2.64 0.81 7.10
C THR A 215 2.19 2.11 6.44
N GLU A 216 0.89 2.40 6.48
CA GLU A 216 0.40 3.63 5.87
C GLU A 216 0.78 4.87 6.67
N ASP A 217 0.72 6.03 6.02
CA ASP A 217 0.87 7.31 6.73
C ASP A 217 -0.04 7.31 7.95
N MET A 218 0.49 7.72 9.11
CA MET A 218 -0.28 7.81 10.35
CA MET A 218 -0.30 7.82 10.34
C MET A 218 -0.92 6.47 10.75
N ASP A 219 -0.37 5.38 10.21
CA ASP A 219 -0.88 4.02 10.39
C ASP A 219 -2.38 3.91 10.07
N LEU A 220 -2.77 4.60 9.01
CA LEU A 220 -4.13 4.52 8.48
C LEU A 220 -4.45 3.17 7.84
N TYR A 221 -5.72 2.93 7.56
CA TYR A 221 -6.08 1.82 6.67
C TYR A 221 -5.72 2.20 5.24
N SER A 222 -5.62 1.20 4.37
CA SER A 222 -5.67 1.47 2.93
CA SER A 222 -5.64 1.43 2.93
C SER A 222 -6.61 0.46 2.27
N ILE A 223 -7.15 0.85 1.13
CA ILE A 223 -7.92 -0.07 0.32
C ILE A 223 -7.41 0.05 -1.12
N ASN A 224 -7.25 -1.10 -1.75
CA ASN A 224 -6.58 -1.22 -3.04
C ASN A 224 -7.44 -2.07 -3.97
N TYR A 225 -7.82 -1.51 -5.12
CA TYR A 225 -8.58 -2.25 -6.12
C TYR A 225 -7.70 -2.51 -7.35
N LEU A 226 -7.59 -3.78 -7.75
CA LEU A 226 -6.83 -4.13 -8.95
C LEU A 226 -7.78 -4.06 -10.16
N HIS A 227 -7.70 -2.95 -10.89
CA HIS A 227 -8.63 -2.69 -12.00
C HIS A 227 -8.46 -3.66 -13.18
N LEU A 228 -7.21 -3.94 -13.53
N LEU A 228 -7.21 -3.95 -13.52
CA LEU A 228 -6.91 -4.53 -14.84
CA LEU A 228 -6.95 -4.71 -14.73
C LEU A 228 -5.52 -5.16 -14.89
C LEU A 228 -5.57 -5.31 -14.71
N GLY A 229 -5.38 -6.29 -15.57
CA GLY A 229 -4.07 -6.85 -15.84
C GLY A 229 -3.63 -8.00 -14.94
N GLU A 230 -2.32 -8.10 -14.79
CA GLU A 230 -1.71 -9.25 -14.12
C GLU A 230 -1.74 -9.07 -12.59
N PRO A 231 -1.56 -10.17 -11.84
CA PRO A 231 -1.73 -10.09 -10.38
C PRO A 231 -0.70 -9.28 -9.61
N LYS A 232 -1.00 -9.11 -8.34
CA LYS A 232 -0.12 -8.47 -7.38
CA LYS A 232 -0.08 -8.51 -7.39
C LYS A 232 0.03 -9.41 -6.17
N THR A 233 1.26 -9.78 -5.82
CA THR A 233 1.45 -10.61 -4.62
C THR A 233 1.82 -9.73 -3.42
N TRP A 234 1.17 -10.00 -2.29
CA TRP A 234 1.31 -9.25 -1.05
C TRP A 234 1.95 -10.10 0.05
N TYR A 235 2.78 -9.46 0.87
CA TYR A 235 3.26 -10.01 2.15
C TYR A 235 2.80 -9.09 3.27
N VAL A 236 2.47 -9.64 4.44
CA VAL A 236 1.96 -8.82 5.54
C VAL A 236 2.35 -9.40 6.91
N VAL A 237 2.71 -8.51 7.83
CA VAL A 237 2.97 -8.88 9.22
C VAL A 237 1.78 -8.45 10.10
N PRO A 238 1.27 -9.35 10.95
CA PRO A 238 0.16 -8.97 11.84
C PRO A 238 0.50 -7.70 12.64
N PRO A 239 -0.46 -6.76 12.76
CA PRO A 239 -0.16 -5.55 13.55
C PRO A 239 0.37 -5.82 14.95
N GLU A 240 -0.09 -6.88 15.62
CA GLU A 240 0.39 -7.14 16.98
C GLU A 240 1.87 -7.54 16.99
N HIS A 241 2.44 -7.85 15.82
CA HIS A 241 3.85 -8.23 15.72
C HIS A 241 4.70 -7.27 14.90
N GLY A 242 4.16 -6.08 14.61
CA GLY A 242 4.91 -5.11 13.81
C GLY A 242 6.28 -4.75 14.35
N GLN A 243 6.42 -4.67 15.67
CA GLN A 243 7.69 -4.29 16.25
CA GLN A 243 7.69 -4.31 16.28
C GLN A 243 8.77 -5.36 16.02
N ARG A 244 8.36 -6.61 15.82
CA ARG A 244 9.33 -7.66 15.47
C ARG A 244 9.95 -7.41 14.10
N LEU A 245 9.13 -6.98 13.15
CA LEU A 245 9.66 -6.62 11.84
C LEU A 245 10.58 -5.41 11.95
N GLU A 246 10.20 -4.42 12.75
CA GLU A 246 11.03 -3.23 12.93
C GLU A 246 12.40 -3.58 13.49
N ARG A 247 12.44 -4.47 14.48
CA ARG A 247 13.70 -4.87 15.09
C ARG A 247 14.60 -5.58 14.08
N LEU A 248 14.03 -6.47 13.27
CA LEU A 248 14.81 -7.14 12.24
C LEU A 248 15.34 -6.12 11.22
N ALA A 249 14.48 -5.20 10.79
CA ALA A 249 14.89 -4.18 9.84
C ALA A 249 16.08 -3.37 10.37
N ARG A 250 16.06 -3.05 11.67
N ARG A 250 16.06 -3.03 11.66
CA ARG A 250 17.18 -2.29 12.25
CA ARG A 250 17.18 -2.29 12.25
C ARG A 250 18.48 -3.09 12.22
C ARG A 250 18.48 -3.10 12.15
N GLU A 251 18.38 -4.40 12.36
CA GLU A 251 19.54 -5.28 12.28
C GLU A 251 20.06 -5.41 10.84
N LEU A 252 19.13 -5.50 9.89
CA LEU A 252 19.49 -5.73 8.48
C LEU A 252 19.92 -4.49 7.71
N PHE A 253 19.49 -3.32 8.17
CA PHE A 253 19.83 -2.06 7.53
C PHE A 253 20.39 -1.12 8.60
N PRO A 254 21.59 -1.44 9.12
CA PRO A 254 22.05 -0.73 10.32
C PRO A 254 22.38 0.76 10.08
N GLY A 255 22.95 1.11 8.94
CA GLY A 255 23.21 2.52 8.64
C GLY A 255 21.92 3.31 8.54
N SER A 256 20.92 2.75 7.88
CA SER A 256 19.64 3.42 7.75
C SER A 256 18.99 3.66 9.11
N SER A 257 19.11 2.67 9.99
CA SER A 257 18.57 2.78 11.33
C SER A 257 19.21 3.90 12.13
N ARG A 258 20.53 4.05 12.00
CA ARG A 258 21.23 5.13 12.70
C ARG A 258 20.81 6.51 12.18
N GLY A 259 20.46 6.57 10.90
CA GLY A 259 20.05 7.82 10.29
C GLY A 259 18.64 8.29 10.65
N CYS A 260 17.77 7.34 10.99
CA CYS A 260 16.37 7.68 11.25
C CYS A 260 15.69 6.63 12.11
N GLY A 261 15.03 7.09 13.18
CA GLY A 261 14.32 6.19 14.09
C GLY A 261 13.06 5.56 13.53
N ALA A 262 12.68 5.97 12.32
CA ALA A 262 11.52 5.39 11.65
C ALA A 262 11.80 5.23 10.15
N PHE A 263 12.94 4.65 9.80
CA PHE A 263 13.35 4.65 8.39
C PHE A 263 12.47 3.79 7.47
N LEU A 264 11.65 2.89 8.00
CA LEU A 264 10.75 2.16 7.11
C LEU A 264 9.73 3.12 6.47
N ARG A 265 9.54 4.29 7.07
CA ARG A 265 8.70 5.35 6.50
C ARG A 265 9.26 5.83 5.15
N HIS A 266 10.53 5.55 4.88
CA HIS A 266 11.15 5.96 3.62
C HIS A 266 10.68 5.08 2.46
N LYS A 267 10.12 3.93 2.80
CA LYS A 267 9.56 2.98 1.83
C LYS A 267 10.58 2.57 0.78
N VAL A 268 11.74 2.09 1.22
CA VAL A 268 12.75 1.62 0.29
C VAL A 268 13.36 0.25 0.64
N ALA A 269 12.94 -0.37 1.74
CA ALA A 269 13.59 -1.62 2.21
C ALA A 269 12.78 -2.88 1.89
N LEU A 270 13.46 -3.90 1.36
CA LEU A 270 12.84 -5.20 1.06
C LEU A 270 13.54 -6.31 1.81
N ILE A 271 12.73 -7.23 2.31
CA ILE A 271 13.19 -8.43 3.02
C ILE A 271 12.34 -9.57 2.49
N SER A 272 12.99 -10.65 2.03
CA SER A 272 12.29 -11.77 1.39
C SER A 272 11.58 -12.66 2.41
N PRO A 273 10.59 -13.46 1.96
CA PRO A 273 9.93 -14.40 2.88
C PRO A 273 10.91 -15.42 3.46
N THR A 274 11.93 -15.81 2.70
CA THR A 274 12.94 -16.73 3.24
C THR A 274 13.69 -16.10 4.43
N VAL A 275 14.08 -14.84 4.28
CA VAL A 275 14.80 -14.17 5.37
C VAL A 275 13.87 -13.93 6.59
N LEU A 276 12.60 -13.60 6.34
CA LEU A 276 11.64 -13.48 7.43
C LEU A 276 11.53 -14.81 8.19
N LYS A 277 11.40 -15.92 7.46
CA LYS A 277 11.30 -17.22 8.11
CA LYS A 277 11.32 -17.25 8.08
C LYS A 277 12.57 -17.57 8.89
N GLU A 278 13.74 -17.26 8.32
CA GLU A 278 15.00 -17.52 9.01
C GLU A 278 15.10 -16.79 10.34
N ASN A 279 14.42 -15.65 10.43
CA ASN A 279 14.46 -14.82 11.64
C ASN A 279 13.21 -14.90 12.50
N GLY A 280 12.33 -15.84 12.19
CA GLY A 280 11.16 -16.10 13.01
C GLY A 280 10.12 -14.99 13.01
N ILE A 281 10.08 -14.19 11.95
CA ILE A 281 9.08 -13.12 11.87
C ILE A 281 7.75 -13.66 11.38
N PRO A 282 6.68 -13.45 12.16
CA PRO A 282 5.37 -13.93 11.70
C PRO A 282 4.87 -13.11 10.50
N PHE A 283 4.42 -13.80 9.46
CA PHE A 283 3.88 -13.11 8.29
C PHE A 283 2.99 -14.05 7.48
N ASN A 284 2.24 -13.46 6.56
CA ASN A 284 1.44 -14.22 5.61
C ASN A 284 1.58 -13.65 4.21
N ARG A 285 1.13 -14.40 3.23
CA ARG A 285 1.19 -13.94 1.85
C ARG A 285 -0.09 -14.31 1.11
N ILE A 286 -0.40 -13.53 0.07
CA ILE A 286 -1.58 -13.80 -0.75
C ILE A 286 -1.43 -13.08 -2.08
N THR A 287 -2.02 -13.63 -3.14
CA THR A 287 -1.98 -12.99 -4.44
C THR A 287 -3.35 -12.43 -4.80
N GLN A 288 -3.36 -11.14 -5.15
CA GLN A 288 -4.55 -10.40 -5.56
C GLN A 288 -4.67 -10.43 -7.08
N GLU A 289 -5.86 -10.74 -7.60
CA GLU A 289 -6.09 -10.76 -9.04
C GLU A 289 -7.04 -9.63 -9.47
N ALA A 290 -7.08 -9.36 -10.76
CA ALA A 290 -7.92 -8.27 -11.27
C ALA A 290 -9.37 -8.48 -10.85
N GLY A 291 -10.00 -7.39 -10.42
CA GLY A 291 -11.38 -7.42 -9.95
C GLY A 291 -11.53 -7.62 -8.46
N GLU A 292 -10.41 -7.69 -7.73
CA GLU A 292 -10.43 -7.94 -6.30
C GLU A 292 -9.92 -6.73 -5.50
N PHE A 293 -10.53 -6.50 -4.34
CA PHE A 293 -10.09 -5.51 -3.36
C PHE A 293 -9.19 -6.12 -2.31
N MET A 294 -8.18 -5.37 -1.87
CA MET A 294 -7.44 -5.69 -0.64
C MET A 294 -7.60 -4.53 0.33
N VAL A 295 -7.75 -4.83 1.62
CA VAL A 295 -7.73 -3.81 2.66
C VAL A 295 -6.54 -4.06 3.58
N THR A 296 -5.72 -3.04 3.82
CA THR A 296 -4.71 -3.13 4.88
C THR A 296 -5.21 -2.40 6.11
N PHE A 297 -4.87 -2.96 7.28
CA PHE A 297 -5.39 -2.47 8.55
C PHE A 297 -4.31 -1.68 9.28
N PRO A 298 -4.71 -0.81 10.22
CA PRO A 298 -3.74 0.03 10.94
C PRO A 298 -2.54 -0.75 11.49
N TYR A 299 -1.35 -0.27 11.15
CA TYR A 299 -0.07 -0.80 11.62
C TYR A 299 0.17 -2.23 11.08
N GLY A 300 -0.45 -2.57 9.97
CA GLY A 300 -0.14 -3.82 9.27
C GLY A 300 0.95 -3.58 8.23
N TYR A 301 2.19 -3.96 8.55
CA TYR A 301 3.30 -3.82 7.59
C TYR A 301 3.04 -4.70 6.38
N HIS A 302 3.24 -4.14 5.19
CA HIS A 302 3.07 -4.92 3.98
C HIS A 302 4.10 -4.55 2.90
N ALA A 303 4.32 -5.49 1.98
CA ALA A 303 5.24 -5.35 0.86
C ALA A 303 4.73 -6.25 -0.25
N GLY A 304 5.25 -6.10 -1.46
CA GLY A 304 4.84 -6.99 -2.53
C GLY A 304 5.38 -6.65 -3.89
N PHE A 305 4.87 -7.32 -4.91
CA PHE A 305 5.35 -7.11 -6.28
C PHE A 305 4.26 -7.42 -7.30
N ASN A 306 4.40 -6.84 -8.49
CA ASN A 306 3.48 -7.08 -9.59
C ASN A 306 3.98 -8.18 -10.53
N HIS A 307 3.04 -8.95 -11.06
CA HIS A 307 3.37 -10.09 -11.92
C HIS A 307 3.63 -9.69 -13.38
N GLY A 308 3.14 -8.52 -13.79
CA GLY A 308 3.14 -8.09 -15.18
C GLY A 308 2.37 -6.78 -15.27
N PHE A 309 2.07 -6.33 -16.49
CA PHE A 309 1.35 -5.07 -16.66
C PHE A 309 0.04 -5.09 -15.89
N ASN A 310 -0.20 -4.07 -15.07
CA ASN A 310 -1.48 -3.94 -14.40
C ASN A 310 -1.75 -2.50 -13.98
N CYS A 311 -2.96 -2.28 -13.48
CA CYS A 311 -3.37 -0.98 -12.98
C CYS A 311 -4.18 -1.18 -11.71
N ALA A 312 -3.74 -0.52 -10.63
CA ALA A 312 -4.47 -0.54 -9.38
C ALA A 312 -4.83 0.88 -8.94
N GLU A 313 -5.86 0.98 -8.10
CA GLU A 313 -6.27 2.25 -7.50
C GLU A 313 -6.31 2.07 -6.00
N ALA A 314 -5.78 3.03 -5.24
CA ALA A 314 -5.76 2.89 -3.79
C ALA A 314 -6.00 4.23 -3.10
N ILE A 315 -6.50 4.15 -1.87
CA ILE A 315 -6.70 5.33 -1.05
C ILE A 315 -6.62 4.95 0.43
N ASN A 316 -6.20 5.89 1.26
CA ASN A 316 -6.26 5.68 2.71
C ASN A 316 -7.63 6.02 3.26
N PHE A 317 -8.02 5.34 4.34
CA PHE A 317 -9.25 5.70 5.04
C PHE A 317 -9.09 5.42 6.53
N ALA A 318 -10.07 5.90 7.30
CA ALA A 318 -10.07 5.75 8.75
C ALA A 318 -11.41 5.23 9.26
N THR A 319 -11.37 4.67 10.47
CA THR A 319 -12.55 4.24 11.22
C THR A 319 -12.35 4.71 12.65
N PRO A 320 -13.39 4.60 13.51
CA PRO A 320 -13.14 4.97 14.91
C PRO A 320 -11.98 4.17 15.56
N ARG A 321 -11.79 2.91 15.19
CA ARG A 321 -10.72 2.12 15.78
C ARG A 321 -9.32 2.62 15.38
N TRP A 322 -9.22 3.32 14.26
CA TRP A 322 -7.93 3.87 13.84
C TRP A 322 -7.37 4.95 14.78
N ILE A 323 -8.23 5.71 15.44
CA ILE A 323 -7.76 6.91 16.14
C ILE A 323 -6.61 6.62 17.11
N ASP A 324 -6.73 5.54 17.89
CA ASP A 324 -5.64 5.22 18.82
C ASP A 324 -4.33 4.84 18.11
N TYR A 325 -4.44 4.24 16.93
CA TYR A 325 -3.23 3.96 16.14
C TYR A 325 -2.61 5.25 15.62
N GLY A 326 -3.44 6.19 15.17
CA GLY A 326 -2.92 7.46 14.70
C GLY A 326 -2.16 8.21 15.78
N LYS A 327 -2.65 8.14 17.02
CA LYS A 327 -1.99 8.78 18.16
C LYS A 327 -0.59 8.21 18.43
N MET A 328 -0.41 6.93 18.13
CA MET A 328 0.81 6.20 18.46
C MET A 328 1.78 6.04 17.30
N ALA A 329 1.37 6.47 16.11
CA ALA A 329 2.18 6.23 14.91
C ALA A 329 3.58 6.84 15.00
N SER A 330 4.60 6.07 14.63
N SER A 330 4.58 6.05 14.64
CA SER A 330 5.98 6.56 14.64
CA SER A 330 5.94 6.54 14.50
C SER A 330 6.30 7.36 13.38
C SER A 330 5.99 7.61 13.44
N GLN A 331 6.96 8.51 13.54
CA GLN A 331 7.19 9.45 12.46
C GLN A 331 8.65 9.56 12.04
N CYS A 332 8.85 9.77 10.74
CA CYS A 332 10.15 10.16 10.24
C CYS A 332 10.32 11.67 10.39
N SER A 333 11.43 12.08 10.98
CA SER A 333 11.73 13.51 11.09
C SER A 333 13.09 13.83 10.49
N CYS A 334 13.73 12.84 9.85
CA CYS A 334 15.05 13.06 9.23
C CYS A 334 14.91 13.80 7.91
N GLY A 335 13.68 13.88 7.40
CA GLY A 335 13.40 14.63 6.20
C GLY A 335 13.24 13.80 4.94
N GLU A 336 13.49 12.49 5.03
CA GLU A 336 13.42 11.65 3.85
C GLU A 336 11.99 11.32 3.43
N ALA A 337 11.12 11.07 4.40
N ALA A 337 11.13 11.03 4.39
CA ALA A 337 9.75 10.63 4.11
CA ALA A 337 9.78 10.56 4.09
C ALA A 337 8.99 11.60 3.22
C ALA A 337 8.92 11.66 3.47
N ARG A 338 8.83 12.84 3.67
N ARG A 338 8.08 11.27 2.52
CA ARG A 338 8.15 13.90 2.91
CA ARG A 338 7.21 12.21 1.83
C ARG A 338 6.75 13.50 2.44
C ARG A 338 6.08 12.68 2.73
N VAL A 339 5.74 13.84 3.25
N VAL A 339 5.81 13.99 2.70
CA VAL A 339 4.37 13.40 2.99
CA VAL A 339 4.77 14.57 3.54
C VAL A 339 3.46 14.54 2.51
C VAL A 339 3.63 15.15 2.71
N THR A 340 2.20 14.20 2.23
N THR A 340 2.46 14.53 2.79
CA THR A 340 1.20 15.17 1.81
CA THR A 340 1.28 15.08 2.14
C THR A 340 0.91 16.15 2.95
C THR A 340 0.80 16.28 2.94
N PHE A 341 0.38 17.33 2.61
N PHE A 341 0.18 17.24 2.25
CA PHE A 341 0.06 18.30 3.63
CA PHE A 341 -0.38 18.42 2.88
C PHE A 341 -1.21 17.92 4.39
C PHE A 341 -1.29 18.04 4.04
N SER A 342 -1.92 16.92 3.88
N SER A 342 -2.07 16.98 3.84
CA SER A 342 -3.07 16.37 4.58
CA SER A 342 -3.11 16.62 4.79
C SER A 342 -2.64 15.77 5.91
C SER A 342 -2.57 15.93 6.05
N MET A 343 -1.39 15.33 5.96
CA MET A 343 -0.84 14.71 7.15
C MET A 343 -0.52 15.72 8.25
N ASP A 344 -0.27 16.98 7.88
CA ASP A 344 0.05 18.02 8.87
C ASP A 344 -0.97 18.07 9.98
N ALA A 345 -2.25 18.14 9.62
CA ALA A 345 -3.32 18.27 10.60
C ALA A 345 -3.41 17.04 11.49
N PHE A 346 -3.15 15.86 10.93
N PHE A 346 -3.11 15.86 10.97
CA PHE A 346 -3.19 14.63 11.71
CA PHE A 346 -3.22 14.67 11.81
C PHE A 346 -2.16 14.68 12.83
C PHE A 346 -2.11 14.59 12.85
N VAL A 347 -0.92 15.04 12.49
CA VAL A 347 0.16 15.12 13.48
C VAL A 347 -0.16 16.24 14.48
N ARG A 348 -0.61 17.38 13.96
CA ARG A 348 -0.90 18.54 14.81
C ARG A 348 -1.93 18.23 15.90
N ILE A 349 -3.00 17.54 15.54
CA ILE A 349 -4.07 17.25 16.49
C ILE A 349 -3.80 15.98 17.30
N LEU A 350 -3.34 14.90 16.67
CA LEU A 350 -3.18 13.64 17.39
C LEU A 350 -1.84 13.51 18.11
N GLN A 351 -0.83 14.23 17.63
N GLN A 351 -0.82 14.19 17.61
CA GLN A 351 0.52 14.13 18.20
CA GLN A 351 0.50 14.13 18.26
C GLN A 351 1.16 15.50 18.47
C GLN A 351 1.10 15.52 18.42
N PRO A 352 0.48 16.36 19.25
CA PRO A 352 0.99 17.74 19.41
C PRO A 352 2.42 17.83 19.94
N GLU A 353 2.86 16.90 20.78
CA GLU A 353 4.25 16.94 21.25
CA GLU A 353 4.25 16.98 21.24
C GLU A 353 5.24 16.75 20.10
N ARG A 354 4.92 15.84 19.19
CA ARG A 354 5.82 15.53 18.10
C ARG A 354 5.77 16.55 16.98
N TYR A 355 4.73 17.38 16.97
CA TYR A 355 4.45 18.25 15.82
C TYR A 355 5.62 19.16 15.42
N ASP A 356 6.17 19.92 16.36
CA ASP A 356 7.27 20.84 16.05
C ASP A 356 8.47 20.15 15.38
N LEU A 357 8.89 19.02 15.93
CA LEU A 357 10.04 18.28 15.39
C LEU A 357 9.71 17.62 14.06
N TRP A 358 8.51 17.05 13.96
CA TRP A 358 8.07 16.44 12.71
C TRP A 358 7.93 17.53 11.65
N LYS A 359 7.33 18.64 12.04
CA LYS A 359 7.14 19.75 11.11
C LYS A 359 8.49 20.34 10.75
N ARG A 360 9.52 20.07 11.56
CA ARG A 360 10.88 20.44 11.19
C ARG A 360 11.35 19.57 10.03
N GLY A 361 10.64 18.47 9.78
CA GLY A 361 10.80 17.69 8.56
C GLY A 361 10.58 18.63 7.39
N GLN A 362 9.65 19.56 7.55
CA GLN A 362 9.57 20.81 6.78
C GLN A 362 10.01 20.74 5.33
N ASP A 363 11.22 21.25 5.11
CA ASP A 363 11.82 21.37 3.79
C ASP A 363 13.33 21.53 3.94
ZN ZN B . 13.58 9.39 8.12
NI NI C . 0.40 0.49 1.47
C1 OGA D . -1.50 -0.08 -0.57
C2 OGA D . -0.19 -0.22 -1.16
C4 OGA D . 1.21 -0.39 -3.14
C5 OGA D . 1.16 -0.78 -4.60
O1 OGA D . -1.53 0.16 0.66
O2 OGA D . -2.53 -0.18 -1.27
O2' OGA D . 0.80 -0.20 -0.42
O3 OGA D . 2.16 -0.56 -5.30
N1 OGA D . -0.08 -0.36 -2.49
O4 OGA D . 0.10 -1.31 -5.05
C1 EDO E . -19.04 4.24 -0.45
O1 EDO E . -20.46 4.07 -0.30
C2 EDO E . -18.73 4.85 -1.80
O2 EDO E . -19.02 3.93 -2.85
C1 EDO F . 10.03 -19.11 1.91
O1 EDO F . 8.79 -19.11 2.62
C2 EDO F . 9.76 -19.41 0.44
O2 EDO F . 8.96 -18.37 -0.12
C1 EDO G . 8.46 2.62 11.69
O1 EDO G . 9.01 2.61 13.01
C2 EDO G . 9.55 2.81 10.63
O2 EDO G . 10.72 2.03 10.90
C1 EDO H . -7.35 5.20 -25.34
O1 EDO H . -7.27 3.82 -24.94
C2 EDO H . -7.24 5.29 -26.85
O2 EDO H . -6.16 6.17 -27.20
C1 EDO I . 2.07 -16.42 -3.03
O1 EDO I . 0.81 -15.73 -2.94
C2 EDO I . 2.22 -16.95 -4.45
O2 EDO I . 0.90 -17.03 -5.00
C1 EDO J . -15.39 -5.36 -11.91
O1 EDO J . -15.65 -6.77 -11.89
C2 EDO J . -15.25 -4.89 -13.35
O2 EDO J . -14.93 -3.50 -13.38
C1 EDO K . 21.48 -2.37 1.32
O1 EDO K . 21.51 -1.98 2.71
C2 EDO K . 22.05 -1.25 0.47
O2 EDO K . 21.23 -0.10 0.61
C1 EDO L . -2.69 3.94 -0.58
O1 EDO L . -1.56 3.27 -1.14
C2 EDO L . -2.70 5.39 -1.06
O2 EDO L . -1.56 6.05 -0.52
C1 EDO M . -14.81 -0.27 12.55
O1 EDO M . -16.04 -0.51 13.25
C2 EDO M . -13.68 -0.10 13.56
O2 EDO M . -13.87 1.12 14.29
S SO4 N . 0.97 -3.46 -26.69
O1 SO4 N . 1.86 -4.35 -25.96
O2 SO4 N . 0.45 -4.15 -27.87
O3 SO4 N . 1.70 -2.26 -27.10
O4 SO4 N . -0.15 -3.07 -25.83
S SO4 O . -15.95 3.12 -20.63
O1 SO4 O . -15.91 2.01 -21.58
O2 SO4 O . -16.07 2.60 -19.27
O3 SO4 O . -14.73 3.92 -20.74
O4 SO4 O . -17.09 3.98 -20.93
S SO4 P . 15.20 -19.75 -13.03
O1 SO4 P . 16.08 -20.05 -11.92
O2 SO4 P . 15.73 -20.32 -14.25
O3 SO4 P . 15.07 -18.29 -13.18
O4 SO4 P . 13.88 -20.31 -12.76
S SO4 Q . 13.34 -13.46 -14.50
O1 SO4 Q . 12.86 -13.78 -13.16
O2 SO4 Q . 13.43 -14.69 -15.28
O3 SO4 Q . 14.66 -12.86 -14.39
O4 SO4 Q . 12.44 -12.53 -15.16
N1 URS R . -13.14 -16.13 5.47
N2 URS R . -11.97 -17.60 6.88
C1 URS R . -15.98 -16.76 7.81
C2 URS R . -14.79 -16.95 7.11
C3 URS R . -14.34 -16.00 6.21
C4 URS R . -15.10 -14.86 6.00
C5 URS R . -16.29 -14.67 6.70
C6 URS R . -16.73 -15.63 7.60
C7 URS R . -12.09 -16.93 5.73
S1 URS R . -10.85 -17.03 4.58
N1 URS S . -15.05 6.07 7.54
N2 URS S . -17.17 7.00 7.87
C1 URS S . -15.25 2.38 7.66
C2 URS S . -14.91 3.67 7.27
C3 URS S . -15.41 4.76 7.97
C4 URS S . -16.24 4.54 9.06
C5 URS S . -16.55 3.26 9.45
C6 URS S . -16.07 2.18 8.75
C7 URS S . -15.87 7.13 7.65
S1 URS S . -15.25 8.70 7.45
N1 URS T . 12.22 -19.44 -2.62
N2 URS T . 10.02 -19.88 -3.04
C1 URS T . 15.79 -18.78 -2.00
C2 URS T . 14.55 -19.39 -2.03
C3 URS T . 13.47 -18.76 -2.62
C4 URS T . 13.67 -17.51 -3.18
C5 URS T . 14.91 -16.90 -3.15
C6 URS T . 15.98 -17.54 -2.57
C7 URS T . 10.98 -18.99 -2.88
S1 URS T . 10.54 -17.35 -2.96
#